data_6KD9
#
_entry.id   6KD9
#
_cell.length_a   66.755
_cell.length_b   73.352
_cell.length_c   121.434
_cell.angle_alpha   90.00
_cell.angle_beta   90.00
_cell.angle_gamma   90.00
#
_symmetry.space_group_name_H-M   'P 21 21 21'
#
loop_
_entity.id
_entity.type
_entity.pdbx_description
1 polymer 'Iron/alpha-ketoglutarate-dependent dioxygenase asqJ'
2 non-polymer 'FE (III) ION'
3 non-polymer (3~{Z})-4-methyl-3-[[4-(trifluoromethyl)phenyl]methylidene]-1~{H}-1,4-benzodiazepine-2,5-dione
4 non-polymer 'SUCCINIC ACID'
5 water water
#
_entity_poly.entity_id   1
_entity_poly.type   'polypeptide(L)'
_entity_poly.pdbx_seq_one_letter_code
;MGSSHHHHHHSGLVPRGSHMTSKDHVKSQIPRLSAINDLHKIWPTVEEHGAAIIESFLSLDIVRRLNEEVDPFVKIEPIP
AAKTKDHPNHVLSTTTRLVNVLAPISKAYREDVLNSKVLHRICSDAFHVYGDYWVLMGAVMELAPSNPAQPLHRDMRFSH
PIVEYLKPDAPATSINFLVALSPFTAENGATHVILGSHKWQNLSNVSMDATVRALMNPGDALLITDSTIHCGGAETTGTE
TRRLLTITMGISQLTPLESNLAVPRPVIESLTPLAQRLLGWASQRSAAPRDIGLLTIRGNSIEKTMNLKAEQPLHDDEAE
PLCRETI
;
_entity_poly.pdbx_strand_id   B,F
#
loop_
_chem_comp.id
_chem_comp.type
_chem_comp.name
_chem_comp.formula
CV3 non-polymer (3~{Z})-4-methyl-3-[[4-(trifluoromethyl)phenyl]methylidene]-1~{H}-1,4-benzodiazepine-2,5-dione 'C18 H13 F3 N2 O2'
FE non-polymer 'FE (III) ION' 'Fe 3'
SIN non-polymer 'SUCCINIC ACID' 'C4 H6 O4'
#
# COMPACT_ATOMS: atom_id res chain seq x y z
N SER A 28 -10.00 -7.59 -35.19
CA SER A 28 -8.63 -7.48 -34.73
C SER A 28 -8.42 -8.33 -33.48
N GLN A 29 -7.54 -9.31 -33.56
CA GLN A 29 -7.31 -10.21 -32.45
C GLN A 29 -6.22 -9.82 -31.51
N ILE A 30 -6.15 -10.51 -30.39
CA ILE A 30 -5.14 -10.28 -29.36
C ILE A 30 -3.78 -10.73 -29.84
N PRO A 31 -2.79 -9.91 -29.62
CA PRO A 31 -1.44 -10.22 -30.04
C PRO A 31 -0.89 -11.38 -29.30
N ARG A 32 -0.20 -12.26 -29.97
CA ARG A 32 0.38 -13.41 -29.34
C ARG A 32 1.87 -13.32 -29.47
N LEU A 33 2.54 -13.42 -28.35
CA LEU A 33 3.96 -13.28 -28.32
C LEU A 33 4.64 -14.48 -27.75
N SER A 34 5.91 -14.62 -28.07
CA SER A 34 6.67 -15.72 -27.55
C SER A 34 7.32 -15.31 -26.28
N ALA A 35 7.37 -16.23 -25.36
CA ALA A 35 7.97 -15.97 -24.09
C ALA A 35 9.45 -16.19 -24.11
N ILE A 36 9.92 -16.90 -25.11
CA ILE A 36 11.32 -17.20 -25.20
C ILE A 36 12.08 -16.36 -26.19
N ASN A 37 11.41 -15.80 -27.17
CA ASN A 37 12.10 -14.99 -28.15
C ASN A 37 11.83 -13.51 -28.00
N ASP A 38 10.68 -13.07 -28.47
CA ASP A 38 10.31 -11.66 -28.42
C ASP A 38 9.94 -11.18 -27.03
N LEU A 39 10.96 -10.96 -26.21
CA LEU A 39 10.74 -10.63 -24.82
C LEU A 39 10.51 -9.20 -24.48
N HIS A 40 11.16 -8.30 -25.19
CA HIS A 40 11.02 -6.88 -24.96
C HIS A 40 9.80 -6.29 -25.61
N LYS A 41 9.14 -7.11 -26.38
CA LYS A 41 7.97 -6.69 -27.09
C LYS A 41 6.68 -6.95 -26.35
N ILE A 42 6.76 -7.66 -25.24
CA ILE A 42 5.59 -7.96 -24.47
C ILE A 42 5.01 -6.75 -23.80
N TRP A 43 5.79 -6.07 -22.97
CA TRP A 43 5.25 -4.90 -22.32
C TRP A 43 4.82 -3.84 -23.35
N PRO A 44 5.69 -3.44 -24.24
CA PRO A 44 5.26 -2.48 -25.28
C PRO A 44 3.97 -2.90 -25.97
N THR A 45 3.78 -4.20 -26.20
CA THR A 45 2.55 -4.64 -26.84
C THR A 45 1.35 -4.41 -25.92
N VAL A 46 1.46 -4.75 -24.66
CA VAL A 46 0.35 -4.58 -23.76
C VAL A 46 0.06 -3.13 -23.53
N GLU A 47 1.09 -2.33 -23.53
CA GLU A 47 0.93 -0.93 -23.32
C GLU A 47 0.14 -0.32 -24.44
N GLU A 48 0.38 -0.78 -25.64
CA GLU A 48 -0.31 -0.25 -26.78
C GLU A 48 -1.69 -0.82 -26.92
N HIS A 49 -1.83 -2.13 -26.78
CA HIS A 49 -3.13 -2.74 -26.98
C HIS A 49 -3.94 -3.06 -25.74
N GLY A 50 -3.32 -2.98 -24.59
CA GLY A 50 -4.04 -3.33 -23.38
C GLY A 50 -4.10 -4.81 -23.06
N ALA A 51 -3.74 -5.69 -23.99
CA ALA A 51 -3.70 -7.12 -23.70
C ALA A 51 -2.67 -7.80 -24.60
N ALA A 52 -2.17 -8.93 -24.14
CA ALA A 52 -1.36 -9.82 -24.98
C ALA A 52 -1.48 -11.24 -24.44
N ILE A 53 -1.41 -12.21 -25.36
CA ILE A 53 -1.21 -13.61 -25.01
C ILE A 53 0.28 -13.89 -25.03
N ILE A 54 0.77 -14.53 -23.99
CA ILE A 54 2.13 -14.95 -23.95
C ILE A 54 2.11 -16.47 -24.06
N GLU A 55 2.58 -17.00 -25.16
CA GLU A 55 2.59 -18.44 -25.35
C GLU A 55 3.63 -19.08 -24.52
N SER A 56 3.26 -20.16 -23.90
CA SER A 56 4.14 -20.93 -23.06
C SER A 56 4.82 -20.15 -21.97
N PHE A 57 4.05 -19.29 -21.34
CA PHE A 57 4.53 -18.54 -20.19
C PHE A 57 4.98 -19.48 -19.07
N LEU A 58 4.21 -20.53 -18.81
CA LEU A 58 4.65 -21.63 -17.95
C LEU A 58 4.73 -22.91 -18.78
N SER A 59 5.68 -23.75 -18.45
CA SER A 59 5.82 -25.01 -19.12
C SER A 59 4.80 -25.99 -18.60
N LEU A 60 4.61 -27.07 -19.32
CA LEU A 60 3.67 -28.09 -18.93
C LEU A 60 4.02 -28.74 -17.61
N ASP A 61 5.31 -28.93 -17.36
CA ASP A 61 5.77 -29.48 -16.13
C ASP A 61 5.40 -28.58 -14.97
N ILE A 62 5.61 -27.28 -15.11
CA ILE A 62 5.24 -26.39 -14.02
C ILE A 62 3.73 -26.42 -13.79
N VAL A 63 2.97 -26.38 -14.86
CA VAL A 63 1.54 -26.41 -14.75
C VAL A 63 1.07 -27.65 -14.07
N ARG A 64 1.60 -28.79 -14.47
CA ARG A 64 1.24 -30.03 -13.85
C ARG A 64 1.49 -30.05 -12.38
N ARG A 65 2.62 -29.54 -11.95
CA ARG A 65 2.91 -29.52 -10.55
C ARG A 65 2.01 -28.60 -9.77
N LEU A 66 1.70 -27.45 -10.35
CA LEU A 66 0.82 -26.51 -9.72
C LEU A 66 -0.53 -27.11 -9.57
N ASN A 67 -1.02 -27.73 -10.62
CA ASN A 67 -2.33 -28.31 -10.56
C ASN A 67 -2.37 -29.34 -9.47
N GLU A 68 -1.35 -30.18 -9.45
CA GLU A 68 -1.24 -31.23 -8.48
C GLU A 68 -1.25 -30.73 -7.06
N GLU A 69 -0.52 -29.67 -6.81
CA GLU A 69 -0.39 -29.10 -5.51
C GLU A 69 -1.58 -28.38 -4.95
N VAL A 70 -2.27 -27.62 -5.77
CA VAL A 70 -3.42 -26.86 -5.28
C VAL A 70 -4.74 -27.61 -5.41
N ASP A 71 -4.78 -28.73 -6.14
CA ASP A 71 -6.00 -29.53 -6.25
C ASP A 71 -6.76 -29.70 -4.94
N PRO A 72 -6.15 -30.12 -3.83
CA PRO A 72 -6.95 -30.30 -2.62
C PRO A 72 -7.58 -29.01 -2.12
N PHE A 73 -6.82 -27.92 -2.11
CA PHE A 73 -7.33 -26.65 -1.58
C PHE A 73 -8.44 -26.09 -2.45
N VAL A 74 -8.48 -26.49 -3.69
CA VAL A 74 -9.53 -26.03 -4.53
C VAL A 74 -10.80 -26.79 -4.25
N LYS A 75 -10.68 -28.05 -3.91
CA LYS A 75 -11.86 -28.84 -3.63
C LYS A 75 -12.46 -28.57 -2.28
N ILE A 76 -11.68 -28.06 -1.34
CA ILE A 76 -12.20 -27.76 -0.03
C ILE A 76 -12.55 -26.31 0.15
N GLU A 77 -12.52 -25.54 -0.92
CA GLU A 77 -12.84 -24.14 -0.82
C GLU A 77 -14.32 -23.92 -0.90
N PRO A 78 -14.82 -23.06 -0.06
CA PRO A 78 -16.24 -22.76 -0.07
C PRO A 78 -16.55 -21.67 -1.04
N ILE A 79 -17.81 -21.35 -1.13
CA ILE A 79 -18.22 -20.31 -2.00
C ILE A 79 -17.59 -19.02 -1.55
N PRO A 80 -17.40 -18.14 -2.51
CA PRO A 80 -16.78 -16.85 -2.28
C PRO A 80 -17.37 -16.08 -1.14
N ALA A 81 -18.69 -16.02 -1.03
CA ALA A 81 -19.31 -15.32 0.05
C ALA A 81 -19.76 -16.24 1.15
N ALA A 82 -18.97 -17.24 1.43
CA ALA A 82 -19.32 -18.15 2.48
C ALA A 82 -19.56 -17.36 3.74
N LYS A 83 -20.57 -17.76 4.50
CA LYS A 83 -20.92 -17.05 5.73
C LYS A 83 -19.89 -17.20 6.83
N THR A 84 -19.01 -18.17 6.66
CA THR A 84 -17.94 -18.48 7.59
C THR A 84 -16.72 -17.58 7.41
N LYS A 85 -16.72 -16.73 6.41
CA LYS A 85 -15.59 -15.87 6.19
C LYS A 85 -15.83 -14.49 6.78
N ASP A 86 -14.81 -13.86 7.33
CA ASP A 86 -14.99 -12.51 7.84
C ASP A 86 -14.72 -11.46 6.76
N HIS A 87 -14.22 -11.90 5.62
CA HIS A 87 -13.98 -11.01 4.51
C HIS A 87 -14.53 -11.59 3.24
N PRO A 88 -15.81 -11.87 3.25
CA PRO A 88 -16.49 -12.47 2.11
C PRO A 88 -16.43 -11.69 0.82
N ASN A 89 -16.46 -12.42 -0.28
CA ASN A 89 -16.42 -11.87 -1.63
C ASN A 89 -17.80 -11.99 -2.20
N HIS A 90 -18.48 -10.87 -2.30
CA HIS A 90 -19.83 -10.88 -2.81
C HIS A 90 -19.90 -10.64 -4.30
N VAL A 91 -18.76 -10.54 -4.95
CA VAL A 91 -18.77 -10.26 -6.36
C VAL A 91 -18.64 -11.48 -7.22
N LEU A 92 -17.83 -12.41 -6.77
CA LEU A 92 -17.64 -13.60 -7.52
C LEU A 92 -18.89 -14.42 -7.45
N SER A 93 -19.11 -15.18 -8.50
CA SER A 93 -20.23 -16.07 -8.59
C SER A 93 -20.09 -17.26 -7.68
N THR A 94 -21.18 -17.97 -7.46
CA THR A 94 -21.16 -19.12 -6.58
C THR A 94 -20.54 -20.39 -7.15
N THR A 95 -20.26 -20.37 -8.42
CA THR A 95 -19.62 -21.48 -9.04
C THR A 95 -18.13 -21.26 -9.25
N THR A 96 -17.58 -20.28 -8.57
CA THR A 96 -16.19 -20.02 -8.68
C THR A 96 -15.56 -20.27 -7.35
N ARG A 97 -14.38 -20.87 -7.38
CA ARG A 97 -13.62 -21.18 -6.20
C ARG A 97 -12.31 -20.47 -6.38
N LEU A 98 -11.92 -19.67 -5.40
CA LEU A 98 -10.72 -18.91 -5.51
C LEU A 98 -9.83 -19.20 -4.36
N VAL A 99 -8.59 -19.52 -4.62
CA VAL A 99 -7.65 -19.83 -3.57
C VAL A 99 -6.41 -19.00 -3.72
N ASN A 100 -6.17 -18.14 -2.76
CA ASN A 100 -4.99 -17.30 -2.75
C ASN A 100 -4.00 -17.69 -1.67
N VAL A 101 -3.06 -16.80 -1.39
CA VAL A 101 -1.96 -17.04 -0.47
C VAL A 101 -1.35 -18.40 -0.77
N LEU A 102 -0.80 -18.54 -1.99
CA LEU A 102 -0.34 -19.82 -2.53
C LEU A 102 1.06 -20.22 -2.09
N ALA A 103 1.85 -19.32 -1.49
CA ALA A 103 3.22 -19.69 -1.14
C ALA A 103 3.29 -20.94 -0.28
N PRO A 104 2.52 -21.06 0.82
CA PRO A 104 2.65 -22.26 1.67
C PRO A 104 2.09 -23.53 1.05
N ILE A 105 1.21 -23.44 0.06
CA ILE A 105 0.59 -24.61 -0.56
C ILE A 105 1.44 -25.23 -1.65
N SER A 106 2.11 -24.42 -2.45
CA SER A 106 2.81 -24.96 -3.58
C SER A 106 4.25 -24.58 -3.79
N LYS A 107 5.06 -25.57 -4.06
CA LYS A 107 6.46 -25.36 -4.30
C LYS A 107 6.68 -24.85 -5.71
N ALA A 108 5.80 -25.22 -6.61
CA ALA A 108 5.94 -24.77 -7.96
C ALA A 108 5.67 -23.29 -8.04
N TYR A 109 4.73 -22.81 -7.26
CA TYR A 109 4.42 -21.40 -7.27
C TYR A 109 5.49 -20.59 -6.60
N ARG A 110 5.89 -21.00 -5.41
CA ARG A 110 6.84 -20.23 -4.65
C ARG A 110 8.27 -20.29 -5.10
N GLU A 111 8.61 -21.22 -5.97
CA GLU A 111 9.95 -21.30 -6.48
C GLU A 111 9.99 -20.97 -7.96
N ASP A 112 9.27 -21.71 -8.77
CA ASP A 112 9.28 -21.44 -10.21
C ASP A 112 8.54 -20.14 -10.54
N VAL A 113 7.31 -20.00 -10.06
CA VAL A 113 6.46 -18.91 -10.53
C VAL A 113 6.98 -17.57 -10.01
N LEU A 114 7.17 -17.46 -8.70
CA LEU A 114 7.58 -16.18 -8.12
C LEU A 114 8.90 -15.69 -8.69
N ASN A 115 9.78 -16.60 -9.14
CA ASN A 115 11.08 -16.24 -9.69
C ASN A 115 11.10 -16.21 -11.22
N SER A 116 9.96 -16.34 -11.88
CA SER A 116 9.94 -16.39 -13.34
C SER A 116 10.66 -15.20 -13.96
N LYS A 117 11.61 -15.46 -14.84
CA LYS A 117 12.34 -14.39 -15.45
C LYS A 117 11.52 -13.55 -16.39
N VAL A 118 10.52 -14.17 -17.00
CA VAL A 118 9.69 -13.46 -17.91
C VAL A 118 8.80 -12.51 -17.18
N LEU A 119 8.28 -12.94 -16.05
CA LEU A 119 7.42 -12.13 -15.25
C LEU A 119 8.16 -10.94 -14.73
N HIS A 120 9.38 -11.13 -14.29
CA HIS A 120 10.15 -10.03 -13.75
C HIS A 120 10.62 -9.02 -14.76
N ARG A 121 10.84 -9.45 -15.98
CA ARG A 121 11.26 -8.55 -17.01
C ARG A 121 10.06 -7.72 -17.41
N ILE A 122 8.91 -8.36 -17.51
CA ILE A 122 7.69 -7.62 -17.82
C ILE A 122 7.41 -6.56 -16.75
N CYS A 123 7.43 -6.98 -15.48
CA CYS A 123 7.08 -6.06 -14.39
C CYS A 123 8.05 -4.91 -14.30
N SER A 124 9.33 -5.21 -14.39
CA SER A 124 10.32 -4.19 -14.31
C SER A 124 10.15 -3.20 -15.43
N ASP A 125 9.68 -3.63 -16.59
CA ASP A 125 9.48 -2.71 -17.68
C ASP A 125 8.22 -1.91 -17.46
N ALA A 126 7.24 -2.50 -16.79
CA ALA A 126 5.95 -1.82 -16.64
C ALA A 126 6.00 -0.75 -15.56
N PHE A 127 6.68 -1.07 -14.49
CA PHE A 127 6.71 -0.26 -13.32
C PHE A 127 7.94 0.49 -13.01
N HIS A 128 8.78 0.77 -14.01
CA HIS A 128 10.03 1.50 -13.77
C HIS A 128 9.84 2.91 -13.27
N VAL A 129 8.75 3.49 -13.68
CA VAL A 129 8.38 4.81 -13.31
C VAL A 129 8.09 4.92 -11.83
N TYR A 130 7.52 3.89 -11.25
CA TYR A 130 7.15 3.92 -9.85
C TYR A 130 8.15 3.28 -8.93
N GLY A 131 8.81 2.23 -9.37
CA GLY A 131 9.79 1.57 -8.53
C GLY A 131 9.53 0.11 -8.33
N ASP A 132 9.78 -0.37 -7.13
CA ASP A 132 9.58 -1.75 -6.79
C ASP A 132 8.15 -2.20 -6.90
N TYR A 133 7.96 -3.45 -7.25
CA TYR A 133 6.64 -3.99 -7.37
C TYR A 133 6.53 -5.29 -6.60
N TRP A 134 5.32 -5.65 -6.19
CA TRP A 134 5.12 -6.89 -5.49
C TRP A 134 3.83 -7.58 -5.91
N VAL A 135 3.53 -8.66 -5.25
CA VAL A 135 2.35 -9.42 -5.55
C VAL A 135 1.16 -8.89 -4.81
N LEU A 136 0.14 -8.48 -5.53
CA LEU A 136 -1.06 -8.01 -4.90
C LEU A 136 -1.92 -9.22 -4.61
N MET A 137 -1.87 -10.20 -5.48
CA MET A 137 -2.58 -11.45 -5.30
C MET A 137 -2.13 -12.54 -6.25
N GLY A 138 -1.90 -13.72 -5.69
CA GLY A 138 -1.52 -14.91 -6.40
C GLY A 138 -2.64 -15.85 -6.07
N ALA A 139 -3.38 -16.29 -7.06
CA ALA A 139 -4.54 -17.11 -6.78
C ALA A 139 -4.79 -18.09 -7.90
N VAL A 140 -5.38 -19.22 -7.56
CA VAL A 140 -5.78 -20.18 -8.52
C VAL A 140 -7.31 -20.08 -8.54
N MET A 141 -7.89 -19.97 -9.72
CA MET A 141 -9.32 -19.88 -9.86
C MET A 141 -9.88 -21.05 -10.63
N GLU A 142 -10.97 -21.63 -10.15
CA GLU A 142 -11.64 -22.72 -10.84
C GLU A 142 -13.07 -22.36 -11.11
N LEU A 143 -13.52 -22.57 -12.33
CA LEU A 143 -14.87 -22.28 -12.68
C LEU A 143 -15.54 -23.56 -12.98
N ALA A 144 -16.63 -23.79 -12.30
CA ALA A 144 -17.37 -24.99 -12.51
C ALA A 144 -18.12 -24.93 -13.79
N PRO A 145 -18.66 -26.07 -14.17
CA PRO A 145 -19.47 -26.15 -15.36
C PRO A 145 -20.67 -25.26 -15.23
N SER A 146 -20.98 -24.64 -16.36
CA SER A 146 -22.07 -23.71 -16.57
C SER A 146 -21.88 -22.41 -15.84
N ASN A 147 -20.64 -22.06 -15.66
CA ASN A 147 -20.30 -20.82 -15.02
C ASN A 147 -20.68 -19.72 -15.98
N PRO A 148 -21.49 -18.81 -15.50
CA PRO A 148 -21.91 -17.70 -16.34
C PRO A 148 -20.81 -16.72 -16.58
N ALA A 149 -21.01 -15.95 -17.63
CA ALA A 149 -20.07 -14.95 -17.99
C ALA A 149 -20.18 -13.78 -17.07
N GLN A 150 -19.05 -13.22 -16.73
CA GLN A 150 -19.00 -12.06 -15.90
C GLN A 150 -19.33 -10.84 -16.71
N PRO A 151 -19.64 -9.78 -16.01
CA PRO A 151 -19.90 -8.51 -16.66
C PRO A 151 -18.57 -7.86 -17.00
N LEU A 152 -18.51 -7.09 -18.05
CA LEU A 152 -17.27 -6.45 -18.38
C LEU A 152 -16.90 -5.55 -17.24
N HIS A 153 -15.62 -5.48 -16.92
CA HIS A 153 -15.18 -4.70 -15.77
C HIS A 153 -13.69 -4.41 -15.89
N ARG A 154 -13.20 -3.71 -14.90
CA ARG A 154 -11.80 -3.41 -14.70
C ARG A 154 -11.44 -3.89 -13.30
N ASP A 155 -10.23 -4.38 -13.11
CA ASP A 155 -9.80 -4.86 -11.81
C ASP A 155 -9.55 -3.68 -10.86
N MET A 156 -9.40 -4.02 -9.58
CA MET A 156 -9.11 -3.11 -8.49
C MET A 156 -10.19 -2.19 -7.98
N ARG A 157 -11.36 -2.21 -8.58
CA ARG A 157 -12.42 -1.34 -8.17
C ARG A 157 -13.11 -1.70 -6.86
N PHE A 158 -12.95 -2.94 -6.43
CA PHE A 158 -13.56 -3.37 -5.21
C PHE A 158 -12.58 -3.52 -4.08
N SER A 159 -11.41 -2.92 -4.22
CA SER A 159 -10.39 -3.02 -3.23
C SER A 159 -9.57 -1.76 -3.12
N HIS A 160 -9.31 -1.12 -4.26
CA HIS A 160 -8.48 0.05 -4.29
C HIS A 160 -9.10 1.26 -4.97
N PRO A 161 -10.06 1.88 -4.32
CA PRO A 161 -10.73 3.04 -4.84
C PRO A 161 -9.81 4.13 -5.27
N ILE A 162 -8.59 4.12 -4.78
CA ILE A 162 -7.64 5.14 -5.16
C ILE A 162 -7.31 5.14 -6.65
N VAL A 163 -7.25 3.96 -7.22
CA VAL A 163 -6.89 3.78 -8.62
C VAL A 163 -7.75 4.61 -9.52
N GLU A 164 -9.00 4.79 -9.15
CA GLU A 164 -9.92 5.58 -9.95
C GLU A 164 -9.63 7.06 -9.99
N TYR A 165 -8.87 7.59 -9.05
CA TYR A 165 -8.50 8.97 -9.06
C TYR A 165 -7.18 9.25 -9.75
N LEU A 166 -6.61 8.28 -10.40
CA LEU A 166 -5.39 8.56 -11.07
C LEU A 166 -5.66 9.26 -12.38
N LYS A 167 -4.77 10.16 -12.75
CA LYS A 167 -4.89 10.77 -14.04
C LYS A 167 -4.84 9.68 -15.09
N PRO A 168 -5.40 9.95 -16.24
CA PRO A 168 -5.44 8.95 -17.32
C PRO A 168 -4.09 8.67 -17.97
N ASP A 169 -3.18 9.60 -17.92
CA ASP A 169 -1.87 9.39 -18.48
C ASP A 169 -0.91 8.72 -17.52
N ALA A 170 -1.39 8.40 -16.33
CA ALA A 170 -0.61 7.73 -15.34
C ALA A 170 -0.38 6.33 -15.80
N PRO A 171 0.84 5.86 -15.66
CA PRO A 171 1.18 4.50 -16.02
C PRO A 171 0.43 3.56 -15.11
N ALA A 172 0.13 2.38 -15.61
CA ALA A 172 -0.59 1.38 -14.87
C ALA A 172 0.10 1.04 -13.58
N THR A 173 -0.68 0.90 -12.54
CA THR A 173 -0.12 0.59 -11.25
C THR A 173 -0.20 -0.86 -10.90
N SER A 174 -0.89 -1.64 -11.70
CA SER A 174 -1.00 -3.06 -11.51
C SER A 174 -1.32 -3.74 -12.81
N ILE A 175 -0.87 -4.97 -12.98
CA ILE A 175 -1.13 -5.76 -14.16
C ILE A 175 -1.53 -7.17 -13.76
N ASN A 176 -2.24 -7.85 -14.62
CA ASN A 176 -2.71 -9.16 -14.27
C ASN A 176 -2.34 -10.27 -15.24
N PHE A 177 -1.67 -11.28 -14.72
CA PHE A 177 -1.27 -12.41 -15.51
C PHE A 177 -2.33 -13.49 -15.35
N LEU A 178 -3.04 -13.81 -16.41
CA LEU A 178 -4.01 -14.85 -16.33
C LEU A 178 -3.45 -16.07 -16.97
N VAL A 179 -2.94 -16.97 -16.15
CA VAL A 179 -2.33 -18.18 -16.64
C VAL A 179 -3.30 -19.31 -16.73
N ALA A 180 -3.42 -19.89 -17.90
CA ALA A 180 -4.33 -21.00 -18.07
C ALA A 180 -3.78 -22.28 -17.50
N LEU A 181 -4.49 -22.85 -16.54
CA LEU A 181 -4.11 -24.15 -15.97
C LEU A 181 -4.83 -25.31 -16.67
N SER A 182 -5.80 -24.96 -17.47
CA SER A 182 -6.59 -25.79 -18.35
C SER A 182 -6.86 -24.98 -19.65
N PRO A 183 -7.45 -25.64 -20.62
CA PRO A 183 -7.74 -25.01 -21.90
C PRO A 183 -8.82 -23.96 -21.84
N PHE A 184 -8.60 -22.90 -22.58
CA PHE A 184 -9.55 -21.84 -22.68
C PHE A 184 -10.14 -21.93 -24.06
N THR A 185 -11.41 -22.24 -24.12
CA THR A 185 -12.06 -22.30 -25.38
C THR A 185 -13.26 -21.41 -25.40
N ALA A 186 -13.85 -21.28 -26.56
CA ALA A 186 -15.01 -20.47 -26.71
C ALA A 186 -16.20 -21.07 -25.98
N GLU A 187 -16.25 -22.37 -26.00
CA GLU A 187 -17.31 -23.12 -25.40
C GLU A 187 -17.20 -23.18 -23.90
N ASN A 188 -16.00 -23.21 -23.37
CA ASN A 188 -15.83 -23.32 -21.95
C ASN A 188 -15.67 -22.04 -21.15
N GLY A 189 -15.64 -20.90 -21.81
CA GLY A 189 -15.57 -19.66 -21.08
C GLY A 189 -14.32 -18.85 -21.15
N ALA A 190 -13.53 -19.01 -22.18
CA ALA A 190 -12.32 -18.25 -22.35
C ALA A 190 -12.58 -16.76 -22.21
N THR A 191 -11.61 -16.05 -21.67
CA THR A 191 -11.69 -14.62 -21.40
C THR A 191 -11.93 -13.64 -22.54
N HIS A 192 -12.91 -12.75 -22.38
CA HIS A 192 -13.19 -11.72 -23.34
C HIS A 192 -12.37 -10.50 -23.00
N VAL A 193 -11.89 -9.79 -24.01
CA VAL A 193 -11.11 -8.59 -23.81
C VAL A 193 -11.52 -7.54 -24.86
N ILE A 194 -11.44 -6.27 -24.51
CA ILE A 194 -11.73 -5.22 -25.46
C ILE A 194 -10.43 -4.52 -25.67
N LEU A 195 -9.84 -4.73 -26.82
CA LEU A 195 -8.57 -4.13 -27.11
C LEU A 195 -8.65 -2.64 -27.20
N GLY A 196 -7.68 -2.00 -26.59
CA GLY A 196 -7.60 -0.56 -26.59
C GLY A 196 -8.47 0.09 -25.57
N SER A 197 -9.12 -0.70 -24.73
CA SER A 197 -10.02 -0.17 -23.73
C SER A 197 -9.35 0.35 -22.47
N HIS A 198 -8.05 0.21 -22.36
CA HIS A 198 -7.33 0.71 -21.25
C HIS A 198 -7.07 2.20 -21.36
N LYS A 199 -7.23 2.72 -22.55
CA LYS A 199 -7.05 4.12 -22.78
C LYS A 199 -8.37 4.85 -22.83
N TRP A 200 -9.47 4.20 -22.50
CA TRP A 200 -10.76 4.84 -22.56
C TRP A 200 -11.14 5.70 -21.36
N GLN A 201 -11.62 6.88 -21.66
CA GLN A 201 -12.13 7.78 -20.65
C GLN A 201 -13.64 7.65 -20.65
N ASN A 202 -14.22 7.55 -21.84
CA ASN A 202 -15.65 7.41 -22.04
C ASN A 202 -16.09 5.94 -22.18
N LEU A 203 -16.90 5.47 -21.23
CA LEU A 203 -17.39 4.10 -21.25
C LEU A 203 -18.79 4.01 -21.80
N SER A 204 -18.99 4.70 -22.91
CA SER A 204 -20.29 4.72 -23.51
C SER A 204 -20.47 3.56 -24.44
N ASN A 205 -19.38 3.13 -25.07
CA ASN A 205 -19.49 2.06 -26.03
C ASN A 205 -18.95 0.71 -25.59
N VAL A 206 -19.08 0.41 -24.31
CA VAL A 206 -18.63 -0.86 -23.79
C VAL A 206 -19.66 -1.89 -24.15
N SER A 207 -19.26 -2.88 -24.89
CA SER A 207 -20.18 -3.92 -25.24
C SER A 207 -19.44 -5.18 -25.55
N MET A 208 -20.13 -6.29 -25.33
CA MET A 208 -19.58 -7.59 -25.64
C MET A 208 -19.23 -7.68 -27.10
N ASP A 209 -19.78 -6.82 -27.93
CA ASP A 209 -19.52 -6.83 -29.34
C ASP A 209 -18.15 -6.31 -29.70
N ALA A 210 -17.51 -5.56 -28.81
CA ALA A 210 -16.19 -5.04 -29.03
C ALA A 210 -15.10 -5.98 -28.55
N THR A 211 -15.49 -7.09 -27.97
CA THR A 211 -14.53 -8.04 -27.42
C THR A 211 -13.99 -9.09 -28.32
N VAL A 212 -12.78 -9.52 -28.01
CA VAL A 212 -12.09 -10.58 -28.68
C VAL A 212 -11.71 -11.63 -27.65
N ARG A 213 -11.62 -12.88 -28.06
CA ARG A 213 -11.32 -13.94 -27.14
C ARG A 213 -9.85 -14.22 -26.97
N ALA A 214 -9.54 -14.86 -25.86
CA ALA A 214 -8.21 -15.28 -25.52
C ALA A 214 -8.22 -16.79 -25.46
N LEU A 215 -7.99 -17.42 -26.59
CA LEU A 215 -7.96 -18.85 -26.66
C LEU A 215 -6.57 -19.26 -26.25
N MET A 216 -6.47 -20.12 -25.27
CA MET A 216 -5.17 -20.49 -24.78
C MET A 216 -5.05 -21.94 -24.41
N ASN A 217 -3.84 -22.46 -24.52
CA ASN A 217 -3.50 -23.78 -24.05
C ASN A 217 -2.88 -23.66 -22.66
N PRO A 218 -2.84 -24.75 -21.92
CA PRO A 218 -2.28 -24.73 -20.58
C PRO A 218 -0.85 -24.24 -20.59
N GLY A 219 -0.57 -23.25 -19.75
CA GLY A 219 0.74 -22.65 -19.69
C GLY A 219 0.81 -21.30 -20.35
N ASP A 220 -0.15 -21.00 -21.19
CA ASP A 220 -0.23 -19.71 -21.82
C ASP A 220 -0.76 -18.70 -20.81
N ALA A 221 -0.49 -17.43 -21.04
CA ALA A 221 -0.94 -16.41 -20.13
C ALA A 221 -1.46 -15.19 -20.82
N LEU A 222 -2.60 -14.71 -20.37
CA LEU A 222 -3.15 -13.51 -20.92
C LEU A 222 -2.76 -12.39 -19.99
N LEU A 223 -2.11 -11.37 -20.53
CA LEU A 223 -1.65 -10.27 -19.73
C LEU A 223 -2.50 -9.03 -19.95
N ILE A 224 -3.00 -8.44 -18.89
CA ILE A 224 -3.81 -7.24 -19.04
C ILE A 224 -3.49 -6.22 -18.00
N THR A 225 -3.73 -4.96 -18.28
CA THR A 225 -3.50 -3.92 -17.31
C THR A 225 -4.72 -3.73 -16.44
N ASP A 226 -4.55 -3.03 -15.34
CA ASP A 226 -5.65 -2.77 -14.46
C ASP A 226 -6.77 -2.00 -15.11
N SER A 227 -6.49 -1.33 -16.21
CA SER A 227 -7.49 -0.53 -16.88
C SER A 227 -8.16 -1.23 -18.03
N THR A 228 -7.70 -2.41 -18.37
CA THR A 228 -8.23 -3.21 -19.47
C THR A 228 -9.59 -3.78 -19.22
N ILE A 229 -10.56 -3.49 -20.04
CA ILE A 229 -11.90 -4.01 -19.85
C ILE A 229 -11.96 -5.42 -20.36
N HIS A 230 -12.46 -6.32 -19.56
CA HIS A 230 -12.48 -7.74 -19.91
C HIS A 230 -13.56 -8.43 -19.07
N CYS A 231 -13.67 -9.71 -19.23
CA CYS A 231 -14.60 -10.50 -18.46
C CYS A 231 -14.43 -11.97 -18.71
N GLY A 232 -14.76 -12.77 -17.73
CA GLY A 232 -14.71 -14.19 -17.90
C GLY A 232 -15.84 -14.57 -18.81
N GLY A 233 -15.61 -15.56 -19.65
CA GLY A 233 -16.63 -16.00 -20.56
C GLY A 233 -17.63 -16.94 -19.96
N ALA A 234 -18.58 -17.35 -20.78
CA ALA A 234 -19.58 -18.26 -20.32
C ALA A 234 -19.20 -19.65 -20.76
N GLU A 235 -19.36 -20.62 -19.88
CA GLU A 235 -19.04 -21.97 -20.20
C GLU A 235 -20.32 -22.67 -20.61
N THR A 236 -20.37 -22.98 -21.89
CA THR A 236 -21.52 -23.54 -22.55
C THR A 236 -21.63 -25.04 -22.71
N THR A 237 -20.65 -25.79 -22.25
CA THR A 237 -20.69 -27.22 -22.44
C THR A 237 -21.42 -27.93 -21.36
N GLY A 238 -21.35 -27.37 -20.16
CA GLY A 238 -21.97 -27.98 -19.02
C GLY A 238 -21.11 -29.08 -18.42
N THR A 239 -19.95 -29.34 -19.00
CA THR A 239 -19.09 -30.40 -18.53
C THR A 239 -17.67 -29.97 -18.19
N GLU A 240 -17.14 -29.01 -18.91
CA GLU A 240 -15.78 -28.62 -18.67
C GLU A 240 -15.56 -27.68 -17.54
N THR A 241 -14.47 -27.90 -16.85
CA THR A 241 -14.09 -27.09 -15.74
C THR A 241 -12.88 -26.32 -16.18
N ARG A 242 -12.86 -25.04 -15.91
CA ARG A 242 -11.76 -24.19 -16.31
C ARG A 242 -11.00 -23.68 -15.09
N ARG A 243 -9.68 -23.76 -15.14
CA ARG A 243 -8.85 -23.33 -14.06
C ARG A 243 -7.76 -22.39 -14.51
N LEU A 244 -7.46 -21.40 -13.70
CA LEU A 244 -6.42 -20.48 -14.04
C LEU A 244 -5.66 -20.02 -12.83
N LEU A 245 -4.46 -19.53 -13.06
CA LEU A 245 -3.68 -19.01 -12.01
C LEU A 245 -3.63 -17.54 -12.33
N THR A 246 -4.21 -16.73 -11.46
CA THR A 246 -4.23 -15.30 -11.65
C THR A 246 -3.21 -14.63 -10.76
N ILE A 247 -2.36 -13.83 -11.36
CA ILE A 247 -1.31 -13.14 -10.65
C ILE A 247 -1.34 -11.64 -10.90
N THR A 248 -1.65 -10.89 -9.87
CA THR A 248 -1.71 -9.46 -10.00
C THR A 248 -0.45 -8.88 -9.46
N MET A 249 0.29 -8.21 -10.30
CA MET A 249 1.52 -7.59 -9.89
C MET A 249 1.31 -6.10 -9.88
N GLY A 250 1.67 -5.48 -8.79
CA GLY A 250 1.51 -4.06 -8.66
C GLY A 250 2.65 -3.41 -7.95
N ILE A 251 2.68 -2.11 -8.03
CA ILE A 251 3.73 -1.35 -7.40
C ILE A 251 3.64 -1.50 -5.91
N SER A 252 4.80 -1.51 -5.31
CA SER A 252 4.97 -1.70 -3.89
C SER A 252 4.34 -0.65 -3.03
N GLN A 253 3.86 0.39 -3.65
CA GLN A 253 3.23 1.46 -2.96
C GLN A 253 1.75 1.20 -2.73
N LEU A 254 1.21 0.13 -3.27
CA LEU A 254 -0.16 -0.23 -3.07
C LEU A 254 -0.23 -1.47 -2.22
N THR A 255 -1.16 -1.49 -1.31
CA THR A 255 -1.35 -2.60 -0.43
C THR A 255 -1.92 -3.76 -1.17
N PRO A 256 -1.42 -4.94 -0.88
CA PRO A 256 -1.90 -6.16 -1.52
C PRO A 256 -3.25 -6.59 -1.02
N LEU A 257 -3.93 -7.42 -1.79
CA LEU A 257 -5.21 -7.92 -1.39
C LEU A 257 -5.04 -9.07 -0.44
N GLU A 258 -4.01 -9.86 -0.65
CA GLU A 258 -3.73 -11.00 0.19
C GLU A 258 -2.58 -10.70 1.10
N SER A 259 -2.54 -11.39 2.22
CA SER A 259 -1.46 -11.19 3.15
C SER A 259 -0.66 -12.46 3.34
N ASN A 260 0.62 -12.31 3.57
CA ASN A 260 1.50 -13.42 3.81
C ASN A 260 2.07 -13.41 5.22
N LEU A 261 1.47 -12.62 6.09
CA LEU A 261 1.93 -12.53 7.45
C LEU A 261 1.91 -13.83 8.22
N ALA A 262 0.92 -14.66 7.98
CA ALA A 262 0.82 -15.92 8.68
C ALA A 262 1.55 -17.07 8.03
N VAL A 263 2.37 -16.81 7.04
CA VAL A 263 3.12 -17.86 6.42
C VAL A 263 4.28 -18.25 7.31
N PRO A 264 4.41 -19.52 7.61
CA PRO A 264 5.48 -20.02 8.45
C PRO A 264 6.86 -19.57 8.01
N ARG A 265 7.64 -19.10 8.97
CA ARG A 265 8.96 -18.56 8.72
C ARG A 265 9.91 -19.48 8.00
N PRO A 266 9.78 -20.75 8.23
CA PRO A 266 10.64 -21.71 7.55
C PRO A 266 10.41 -21.61 6.07
N VAL A 267 9.15 -21.50 5.69
CA VAL A 267 8.77 -21.40 4.30
C VAL A 267 9.37 -20.16 3.71
N ILE A 268 9.18 -19.06 4.40
CA ILE A 268 9.70 -17.79 3.96
C ILE A 268 11.19 -17.89 3.86
N GLU A 269 11.83 -18.42 4.87
CA GLU A 269 13.28 -18.52 4.83
C GLU A 269 13.79 -19.48 3.76
N SER A 270 12.87 -20.16 3.09
CA SER A 270 13.16 -21.10 2.03
C SER A 270 13.19 -20.45 0.68
N LEU A 271 12.61 -19.27 0.56
CA LEU A 271 12.55 -18.62 -0.73
C LEU A 271 13.74 -17.78 -1.02
N THR A 272 13.83 -17.36 -2.25
CA THR A 272 14.86 -16.44 -2.62
C THR A 272 14.52 -15.06 -2.06
N PRO A 273 15.49 -14.18 -2.06
CA PRO A 273 15.27 -12.84 -1.57
C PRO A 273 14.24 -12.09 -2.38
N LEU A 274 14.21 -12.33 -3.68
CA LEU A 274 13.28 -11.70 -4.57
C LEU A 274 11.86 -12.09 -4.27
N ALA A 275 11.66 -13.38 -4.05
CA ALA A 275 10.38 -13.92 -3.70
C ALA A 275 9.95 -13.44 -2.33
N GLN A 276 10.90 -13.24 -1.45
CA GLN A 276 10.57 -12.76 -0.15
C GLN A 276 10.01 -11.36 -0.29
N ARG A 277 10.62 -10.56 -1.15
CA ARG A 277 10.17 -9.21 -1.35
C ARG A 277 8.80 -9.13 -1.98
N LEU A 278 8.50 -10.01 -2.92
CA LEU A 278 7.21 -10.01 -3.55
C LEU A 278 6.10 -10.37 -2.62
N LEU A 279 6.44 -11.03 -1.53
CA LEU A 279 5.50 -11.49 -0.56
C LEU A 279 5.31 -10.60 0.64
N GLY A 280 5.99 -9.49 0.66
CA GLY A 280 5.87 -8.57 1.76
C GLY A 280 6.77 -8.88 2.91
N TRP A 281 7.72 -9.76 2.71
CA TRP A 281 8.65 -10.13 3.74
C TRP A 281 10.01 -9.51 3.50
N ALA A 282 9.98 -8.25 3.08
CA ALA A 282 11.15 -7.42 2.83
C ALA A 282 10.75 -5.97 2.73
N SER A 283 11.73 -5.11 2.81
CA SER A 283 11.48 -3.70 2.65
C SER A 283 11.39 -3.39 1.15
N GLN A 284 10.75 -2.29 0.79
CA GLN A 284 10.65 -1.96 -0.61
C GLN A 284 11.16 -0.59 -0.92
N ARG A 285 11.49 -0.37 -2.17
CA ARG A 285 12.01 0.89 -2.62
C ARG A 285 11.16 1.50 -3.71
N SER A 286 11.31 2.79 -3.92
CA SER A 286 10.62 3.46 -4.99
C SER A 286 11.58 4.07 -5.96
N ALA A 287 11.05 4.59 -7.04
CA ALA A 287 11.85 5.18 -8.08
C ALA A 287 12.35 6.58 -7.81
N ALA A 288 11.91 7.21 -6.75
CA ALA A 288 12.39 8.55 -6.45
C ALA A 288 13.90 8.58 -6.30
N PRO A 289 14.52 9.59 -6.86
CA PRO A 289 15.97 9.69 -6.86
C PRO A 289 16.62 9.58 -5.49
N ARG A 290 16.03 10.18 -4.49
CA ARG A 290 16.57 10.04 -3.16
C ARG A 290 15.55 9.32 -2.29
N ASP A 291 15.10 8.18 -2.78
CA ASP A 291 14.10 7.34 -2.16
C ASP A 291 14.39 7.01 -0.71
N ILE A 292 13.39 7.12 0.14
CA ILE A 292 13.58 6.78 1.53
C ILE A 292 13.04 5.40 1.88
N GLY A 293 12.41 4.74 0.93
CA GLY A 293 11.90 3.42 1.13
C GLY A 293 10.57 3.24 1.79
N LEU A 294 10.05 2.05 1.67
CA LEU A 294 8.79 1.66 2.26
C LEU A 294 9.04 0.50 3.20
N LEU A 295 8.25 0.41 4.25
CA LEU A 295 8.38 -0.66 5.23
C LEU A 295 9.77 -0.82 5.78
N THR A 296 10.37 0.28 6.14
CA THR A 296 11.66 0.28 6.72
C THR A 296 11.57 0.34 8.23
N ILE A 297 12.66 0.04 8.90
CA ILE A 297 12.66 0.08 10.34
C ILE A 297 13.86 0.89 10.79
N ARG A 298 13.60 2.13 11.14
CA ARG A 298 14.61 3.06 11.60
C ARG A 298 15.85 3.11 10.73
N GLY A 299 15.67 3.20 9.44
CA GLY A 299 16.78 3.26 8.52
C GLY A 299 17.20 1.92 7.96
N ASN A 300 16.75 0.85 8.57
CA ASN A 300 17.12 -0.46 8.10
C ASN A 300 15.99 -1.31 7.55
N SER A 301 16.37 -2.29 6.75
CA SER A 301 15.40 -3.16 6.13
C SER A 301 14.82 -4.18 7.07
N ILE A 302 13.66 -4.67 6.70
CA ILE A 302 12.94 -5.68 7.45
C ILE A 302 13.82 -6.88 7.56
N GLU A 303 14.44 -7.24 6.47
CA GLU A 303 15.25 -8.41 6.43
C GLU A 303 16.51 -8.30 7.26
N LYS A 304 17.09 -7.13 7.35
CA LYS A 304 18.31 -6.97 8.12
C LYS A 304 17.97 -6.91 9.57
N THR A 305 16.90 -6.25 9.90
CA THR A 305 16.49 -6.12 11.25
C THR A 305 16.20 -7.48 11.82
N MET A 306 15.44 -8.26 11.10
CA MET A 306 15.03 -9.58 11.52
C MET A 306 16.05 -10.66 11.24
N ASN A 307 17.07 -10.34 10.48
CA ASN A 307 18.13 -11.27 10.07
C ASN A 307 17.48 -12.49 9.49
N LEU A 308 16.66 -12.23 8.49
CA LEU A 308 15.90 -13.23 7.81
C LEU A 308 16.78 -13.97 6.87
N LYS A 309 16.76 -15.29 6.97
CA LYS A 309 17.55 -16.15 6.13
C LYS A 309 16.87 -16.36 4.79
N ALA A 310 17.62 -16.68 3.76
CA ALA A 310 17.04 -16.95 2.47
C ALA A 310 17.61 -18.22 1.89
N GLU A 311 16.81 -18.85 1.05
CA GLU A 311 17.16 -20.05 0.35
C GLU A 311 17.55 -21.23 1.24
N GLN A 312 16.89 -21.36 2.37
CA GLN A 312 17.16 -22.43 3.28
C GLN A 312 16.11 -23.52 3.22
N PRO A 313 16.47 -24.64 2.62
CA PRO A 313 15.54 -25.76 2.44
C PRO A 313 14.84 -26.28 3.67
N LEU A 314 13.66 -26.84 3.47
CA LEU A 314 12.83 -27.38 4.54
C LEU A 314 13.23 -28.77 4.99
N SER B 28 -2.91 36.70 7.02
CA SER B 28 -3.87 35.65 7.30
C SER B 28 -3.21 34.49 8.01
N GLN B 29 -3.56 34.28 9.27
CA GLN B 29 -2.93 33.24 10.06
C GLN B 29 -3.58 31.89 10.00
N ILE B 30 -2.90 30.90 10.54
CA ILE B 30 -3.39 29.53 10.59
C ILE B 30 -4.52 29.41 11.59
N PRO B 31 -5.57 28.72 11.23
CA PRO B 31 -6.71 28.55 12.11
C PRO B 31 -6.44 27.69 13.30
N ARG B 32 -6.82 28.15 14.48
CA ARG B 32 -6.62 27.39 15.69
C ARG B 32 -7.92 26.86 16.17
N LEU B 33 -7.95 25.59 16.49
CA LEU B 33 -9.16 24.96 16.92
C LEU B 33 -9.01 24.23 18.22
N SER B 34 -10.10 24.09 18.96
CA SER B 34 -10.04 23.36 20.19
C SER B 34 -10.22 21.92 19.90
N ALA B 35 -9.50 21.11 20.62
CA ALA B 35 -9.60 19.68 20.44
C ALA B 35 -10.72 19.09 21.24
N ILE B 36 -11.23 19.81 22.21
CA ILE B 36 -12.29 19.29 23.02
C ILE B 36 -13.63 19.91 22.75
N ASN B 37 -13.65 21.01 22.01
CA ASN B 37 -14.93 21.65 21.71
C ASN B 37 -15.34 21.54 20.26
N ASP B 38 -14.78 22.40 19.43
CA ASP B 38 -15.12 22.43 18.01
C ASP B 38 -14.37 21.38 17.21
N LEU B 39 -14.91 20.17 17.24
CA LEU B 39 -14.29 19.03 16.62
C LEU B 39 -14.57 18.88 15.16
N HIS B 40 -15.82 18.67 14.84
CA HIS B 40 -16.27 18.54 13.48
C HIS B 40 -15.75 19.67 12.62
N LYS B 41 -15.23 20.70 13.22
CA LYS B 41 -14.74 21.82 12.48
C LYS B 41 -13.29 21.70 12.09
N ILE B 42 -12.64 20.67 12.57
CA ILE B 42 -11.23 20.50 12.27
C ILE B 42 -10.95 20.06 10.85
N TRP B 43 -11.48 18.92 10.42
CA TRP B 43 -11.22 18.48 9.07
C TRP B 43 -11.68 19.50 8.02
N PRO B 44 -12.88 20.01 8.14
CA PRO B 44 -13.38 20.98 7.18
C PRO B 44 -12.47 22.18 7.06
N THR B 45 -11.89 22.55 8.16
CA THR B 45 -11.01 23.67 8.23
C THR B 45 -9.74 23.40 7.47
N VAL B 46 -9.20 22.22 7.66
CA VAL B 46 -7.98 21.86 6.98
C VAL B 46 -8.23 21.68 5.51
N GLU B 47 -9.41 21.19 5.20
CA GLU B 47 -9.79 20.96 3.83
C GLU B 47 -9.83 22.25 3.07
N GLU B 48 -10.38 23.27 3.69
CA GLU B 48 -10.48 24.53 3.04
C GLU B 48 -9.17 25.25 3.02
N HIS B 49 -8.45 25.24 4.12
CA HIS B 49 -7.21 25.96 4.21
C HIS B 49 -5.91 25.19 4.02
N GLY B 50 -5.95 23.90 4.24
CA GLY B 50 -4.76 23.10 4.08
C GLY B 50 -3.92 22.97 5.32
N ALA B 51 -4.29 23.68 6.37
CA ALA B 51 -3.56 23.63 7.60
C ALA B 51 -4.42 24.06 8.73
N ALA B 52 -4.18 23.51 9.89
CA ALA B 52 -4.89 23.87 11.08
C ALA B 52 -4.04 23.55 12.28
N ILE B 53 -4.25 24.28 13.35
CA ILE B 53 -3.53 24.05 14.56
C ILE B 53 -4.53 23.60 15.56
N ILE B 54 -4.27 22.48 16.18
CA ILE B 54 -5.16 21.93 17.17
C ILE B 54 -4.56 22.13 18.53
N GLU B 55 -5.13 23.04 19.29
CA GLU B 55 -4.64 23.30 20.63
C GLU B 55 -4.93 22.14 21.52
N SER B 56 -3.94 21.78 22.32
CA SER B 56 -4.05 20.72 23.27
C SER B 56 -4.56 19.40 22.76
N PHE B 57 -3.97 18.98 21.64
CA PHE B 57 -4.25 17.72 21.00
C PHE B 57 -3.81 16.59 21.93
N LEU B 58 -2.69 16.80 22.56
CA LEU B 58 -2.16 15.90 23.53
C LEU B 58 -2.06 16.67 24.83
N SER B 59 -2.32 15.99 25.93
CA SER B 59 -2.22 16.61 27.22
C SER B 59 -0.77 16.70 27.64
N LEU B 60 -0.50 17.53 28.62
CA LEU B 60 0.85 17.67 29.12
C LEU B 60 1.38 16.39 29.70
N ASP B 61 0.54 15.63 30.35
CA ASP B 61 0.94 14.39 30.92
C ASP B 61 1.37 13.42 29.85
N ILE B 62 0.63 13.39 28.75
CA ILE B 62 0.98 12.49 27.66
C ILE B 62 2.29 12.88 27.03
N VAL B 63 2.52 14.16 26.86
CA VAL B 63 3.74 14.61 26.28
C VAL B 63 4.92 14.24 27.15
N ARG B 64 4.79 14.46 28.44
CA ARG B 64 5.84 14.13 29.36
C ARG B 64 6.21 12.66 29.33
N ARG B 65 5.25 11.79 29.24
CA ARG B 65 5.56 10.39 29.21
C ARG B 65 6.24 9.99 27.90
N LEU B 66 5.79 10.57 26.81
CA LEU B 66 6.36 10.29 25.53
C LEU B 66 7.76 10.79 25.51
N ASN B 67 7.95 11.99 25.98
CA ASN B 67 9.27 12.56 25.98
C ASN B 67 10.21 11.67 26.75
N GLU B 68 9.76 11.25 27.90
CA GLU B 68 10.51 10.40 28.76
C GLU B 68 10.87 9.07 28.15
N GLU B 69 9.91 8.47 27.47
CA GLU B 69 10.10 7.16 26.91
C GLU B 69 11.00 7.09 25.71
N VAL B 70 10.97 8.09 24.86
CA VAL B 70 11.77 8.08 23.68
C VAL B 70 13.11 8.75 23.81
N ASP B 71 13.30 9.48 24.90
CA ASP B 71 14.54 10.20 25.15
C ASP B 71 15.82 9.49 24.80
N PRO B 72 15.99 8.26 25.25
CA PRO B 72 17.22 7.53 24.99
C PRO B 72 17.38 7.09 23.55
N PHE B 73 16.30 6.73 22.91
CA PHE B 73 16.35 6.32 21.52
C PHE B 73 16.71 7.47 20.63
N VAL B 74 16.36 8.66 21.04
CA VAL B 74 16.69 9.82 20.27
C VAL B 74 18.14 10.11 20.46
N LYS B 75 18.66 9.94 21.66
CA LYS B 75 20.06 10.18 21.90
C LYS B 75 20.97 9.17 21.27
N ILE B 76 20.50 7.97 20.98
CA ILE B 76 21.34 6.97 20.35
C ILE B 76 21.13 6.86 18.86
N GLU B 77 20.32 7.74 18.31
CA GLU B 77 20.05 7.71 16.88
C GLU B 77 21.13 8.41 16.12
N PRO B 78 21.61 7.79 15.07
CA PRO B 78 22.63 8.38 14.23
C PRO B 78 22.04 9.29 13.20
N ILE B 79 22.90 9.87 12.40
CA ILE B 79 22.44 10.76 11.37
C ILE B 79 21.57 10.00 10.40
N PRO B 80 20.67 10.70 9.76
CA PRO B 80 19.75 10.12 8.81
C PRO B 80 20.41 9.31 7.76
N ALA B 81 21.49 9.79 7.16
CA ALA B 81 22.15 9.05 6.12
C ALA B 81 23.33 8.25 6.59
N ALA B 82 23.25 7.76 7.81
CA ALA B 82 24.30 6.99 8.37
C ALA B 82 24.66 5.90 7.41
N LYS B 83 25.93 5.54 7.40
CA LYS B 83 26.43 4.50 6.50
C LYS B 83 26.08 3.09 6.93
N THR B 84 25.62 2.97 8.16
CA THR B 84 25.24 1.73 8.74
C THR B 84 23.79 1.36 8.47
N LYS B 85 23.11 2.13 7.65
CA LYS B 85 21.72 1.86 7.36
C LYS B 85 21.60 1.36 5.94
N ASP B 86 20.75 0.37 5.70
CA ASP B 86 20.55 -0.08 4.34
C ASP B 86 19.44 0.69 3.64
N HIS B 87 18.76 1.56 4.36
CA HIS B 87 17.75 2.42 3.80
C HIS B 87 17.98 3.82 4.35
N PRO B 88 19.13 4.39 4.06
CA PRO B 88 19.45 5.73 4.54
C PRO B 88 18.56 6.81 4.00
N ASN B 89 18.44 7.89 4.75
CA ASN B 89 17.65 9.03 4.39
C ASN B 89 18.58 10.15 3.99
N HIS B 90 18.64 10.44 2.72
CA HIS B 90 19.53 11.46 2.25
C HIS B 90 18.93 12.83 2.14
N VAL B 91 17.70 12.97 2.59
CA VAL B 91 17.03 14.24 2.48
C VAL B 91 17.09 15.06 3.71
N LEU B 92 17.02 14.41 4.85
CA LEU B 92 17.05 15.12 6.09
C LEU B 92 18.44 15.62 6.38
N SER B 93 18.50 16.70 7.15
CA SER B 93 19.76 17.29 7.53
C SER B 93 20.48 16.46 8.57
N THR B 94 21.77 16.65 8.65
CA THR B 94 22.59 15.92 9.59
C THR B 94 22.32 16.30 11.03
N THR B 95 21.55 17.35 11.23
CA THR B 95 21.19 17.77 12.56
C THR B 95 19.77 17.33 12.92
N THR B 96 19.28 16.31 12.26
CA THR B 96 17.98 15.81 12.48
C THR B 96 18.10 14.39 12.94
N ARG B 97 17.35 14.04 13.96
CA ARG B 97 17.34 12.70 14.49
C ARG B 97 15.91 12.29 14.39
N LEU B 98 15.64 11.21 13.70
CA LEU B 98 14.29 10.76 13.54
C LEU B 98 14.16 9.36 14.01
N VAL B 99 13.20 9.11 14.86
CA VAL B 99 12.98 7.78 15.36
C VAL B 99 11.57 7.33 15.09
N ASN B 100 11.42 6.30 14.28
CA ASN B 100 10.13 5.75 13.98
C ASN B 100 9.92 4.39 14.62
N VAL B 101 8.86 3.70 14.23
CA VAL B 101 8.50 2.44 14.83
C VAL B 101 8.44 2.56 16.34
N LEU B 102 7.59 3.46 16.80
CA LEU B 102 7.44 3.76 18.21
C LEU B 102 6.61 2.86 19.07
N ALA B 103 5.91 1.89 18.52
CA ALA B 103 5.07 1.06 19.36
C ALA B 103 5.81 0.27 20.40
N PRO B 104 7.00 -0.19 20.08
CA PRO B 104 7.78 -0.97 21.03
C PRO B 104 8.45 -0.12 22.06
N ILE B 105 8.76 1.11 21.73
CA ILE B 105 9.44 1.97 22.64
C ILE B 105 8.60 2.67 23.65
N SER B 106 7.38 3.02 23.29
CA SER B 106 6.58 3.82 24.19
C SER B 106 5.16 3.39 24.46
N LYS B 107 4.79 3.37 25.72
CA LYS B 107 3.46 3.02 26.13
C LYS B 107 2.51 4.16 25.89
N ALA B 108 2.99 5.37 26.03
CA ALA B 108 2.15 6.51 25.81
C ALA B 108 1.71 6.58 24.36
N TYR B 109 2.61 6.28 23.45
CA TYR B 109 2.27 6.32 22.06
C TYR B 109 1.33 5.19 21.67
N ARG B 110 1.66 3.99 22.07
CA ARG B 110 0.88 2.85 21.66
C ARG B 110 -0.44 2.68 22.34
N GLU B 111 -0.70 3.42 23.39
CA GLU B 111 -1.96 3.33 24.06
C GLU B 111 -2.75 4.63 23.94
N ASP B 112 -2.19 5.73 24.39
CA ASP B 112 -2.93 6.98 24.31
C ASP B 112 -3.01 7.56 22.93
N VAL B 113 -1.87 7.66 22.28
CA VAL B 113 -1.79 8.24 20.96
C VAL B 113 -2.51 7.48 19.87
N LEU B 114 -2.21 6.21 19.73
CA LEU B 114 -2.82 5.42 18.71
C LEU B 114 -4.34 5.30 18.85
N ASN B 115 -4.87 5.56 20.03
CA ASN B 115 -6.29 5.46 20.26
C ASN B 115 -6.96 6.78 20.49
N SER B 116 -6.26 7.85 20.20
CA SER B 116 -6.82 9.16 20.40
C SER B 116 -8.11 9.36 19.65
N LYS B 117 -9.13 9.79 20.35
CA LYS B 117 -10.40 10.02 19.75
C LYS B 117 -10.44 11.17 18.78
N VAL B 118 -9.59 12.14 18.98
CA VAL B 118 -9.58 13.27 18.10
C VAL B 118 -8.92 12.91 16.80
N LEU B 119 -7.91 12.07 16.87
CA LEU B 119 -7.21 11.65 15.68
C LEU B 119 -8.13 10.81 14.86
N HIS B 120 -8.83 9.90 15.49
CA HIS B 120 -9.69 9.02 14.75
C HIS B 120 -10.91 9.66 14.14
N ARG B 121 -11.41 10.71 14.76
CA ARG B 121 -12.53 11.39 14.19
C ARG B 121 -12.06 12.21 13.02
N ILE B 122 -10.90 12.80 13.14
CA ILE B 122 -10.40 13.57 12.04
C ILE B 122 -10.13 12.69 10.83
N CYS B 123 -9.56 11.52 11.08
CA CYS B 123 -9.19 10.60 10.02
C CYS B 123 -10.37 10.02 9.32
N SER B 124 -11.36 9.63 10.07
CA SER B 124 -12.53 9.09 9.46
C SER B 124 -13.21 10.15 8.60
N ASP B 125 -13.19 11.39 9.02
CA ASP B 125 -13.81 12.43 8.23
C ASP B 125 -13.04 12.67 6.94
N ALA B 126 -11.72 12.59 7.03
CA ALA B 126 -10.88 12.85 5.88
C ALA B 126 -10.81 11.74 4.85
N PHE B 127 -10.90 10.50 5.29
CA PHE B 127 -10.73 9.39 4.41
C PHE B 127 -11.94 8.58 4.13
N HIS B 128 -13.12 9.10 4.39
CA HIS B 128 -14.34 8.35 4.20
C HIS B 128 -14.57 7.85 2.80
N VAL B 129 -14.12 8.59 1.81
CA VAL B 129 -14.28 8.17 0.46
C VAL B 129 -13.38 7.00 0.08
N TYR B 130 -12.27 6.84 0.77
CA TYR B 130 -11.37 5.76 0.45
C TYR B 130 -11.59 4.55 1.32
N GLY B 131 -11.89 4.76 2.58
CA GLY B 131 -12.10 3.65 3.48
C GLY B 131 -11.21 3.67 4.69
N ASP B 132 -10.73 2.50 5.06
CA ASP B 132 -9.85 2.38 6.20
C ASP B 132 -8.55 3.14 6.04
N TYR B 133 -8.00 3.57 7.15
CA TYR B 133 -6.75 4.28 7.14
C TYR B 133 -5.79 3.68 8.18
N TRP B 134 -4.51 3.88 7.99
CA TRP B 134 -3.55 3.39 8.94
C TRP B 134 -2.37 4.31 9.10
N VAL B 135 -1.39 3.89 9.85
CA VAL B 135 -0.23 4.70 10.08
C VAL B 135 0.83 4.50 9.01
N LEU B 136 1.16 5.56 8.32
CA LEU B 136 2.20 5.48 7.34
C LEU B 136 3.51 5.64 8.08
N MET B 137 3.55 6.52 9.07
CA MET B 137 4.71 6.73 9.92
C MET B 137 4.40 7.47 11.21
N GLY B 138 4.90 6.93 12.31
CA GLY B 138 4.78 7.53 13.60
C GLY B 138 6.21 7.75 14.03
N ALA B 139 6.61 8.97 14.20
CA ALA B 139 7.98 9.23 14.55
C ALA B 139 8.19 10.43 15.40
N VAL B 140 9.28 10.43 16.13
CA VAL B 140 9.64 11.55 16.93
C VAL B 140 10.83 12.17 16.25
N MET B 141 10.77 13.47 16.03
CA MET B 141 11.85 14.18 15.39
C MET B 141 12.47 15.19 16.32
N GLU B 142 13.79 15.25 16.35
CA GLU B 142 14.48 16.22 17.15
C GLU B 142 15.41 17.00 16.27
N LEU B 143 15.31 18.31 16.34
CA LEU B 143 16.16 19.13 15.56
C LEU B 143 17.12 19.74 16.49
N ALA B 144 18.39 19.65 16.16
CA ALA B 144 19.40 20.20 17.01
C ALA B 144 19.49 21.69 16.87
N PRO B 145 20.22 22.30 17.78
CA PRO B 145 20.45 23.72 17.72
C PRO B 145 21.13 24.09 16.44
N SER B 146 20.66 25.18 15.87
CA SER B 146 21.19 25.73 14.64
C SER B 146 20.75 24.96 13.42
N ASN B 147 19.65 24.25 13.55
CA ASN B 147 19.11 23.47 12.46
C ASN B 147 18.57 24.44 11.43
N PRO B 148 19.03 24.32 10.21
CA PRO B 148 18.57 25.19 9.16
C PRO B 148 17.17 24.89 8.72
N ALA B 149 16.61 25.82 8.01
CA ALA B 149 15.29 25.66 7.50
C ALA B 149 15.30 24.78 6.31
N GLN B 150 14.27 23.97 6.22
CA GLN B 150 14.06 23.11 5.10
C GLN B 150 13.51 23.90 3.95
N PRO B 151 13.63 23.32 2.78
CA PRO B 151 13.05 23.93 1.61
C PRO B 151 11.57 23.62 1.60
N LEU B 152 10.78 24.47 1.01
CA LEU B 152 9.36 24.20 0.97
C LEU B 152 9.15 22.97 0.16
N HIS B 153 8.25 22.11 0.60
CA HIS B 153 8.01 20.84 -0.07
C HIS B 153 6.60 20.34 0.23
N ARG B 154 6.33 19.17 -0.30
CA ARG B 154 5.12 18.42 -0.04
C ARG B 154 5.58 17.04 0.39
N ASP B 155 4.91 16.46 1.35
CA ASP B 155 5.27 15.13 1.83
C ASP B 155 4.96 14.08 0.76
N MET B 156 5.49 12.89 0.98
CA MET B 156 5.30 11.73 0.13
C MET B 156 6.01 11.63 -1.20
N ARG B 157 6.71 12.66 -1.62
CA ARG B 157 7.38 12.62 -2.90
C ARG B 157 8.63 11.76 -2.98
N PHE B 158 9.15 11.34 -1.84
CA PHE B 158 10.33 10.52 -1.80
C PHE B 158 10.05 9.10 -1.43
N SER B 159 8.80 8.69 -1.48
CA SER B 159 8.44 7.36 -1.11
C SER B 159 7.30 6.86 -1.92
N HIS B 160 6.37 7.73 -2.24
CA HIS B 160 5.21 7.36 -2.99
C HIS B 160 5.01 8.21 -4.20
N PRO B 161 5.63 7.84 -5.31
CA PRO B 161 5.48 8.58 -6.55
C PRO B 161 4.09 8.54 -7.14
N ILE B 162 3.31 7.55 -6.76
CA ILE B 162 1.99 7.44 -7.27
C ILE B 162 1.12 8.65 -6.93
N VAL B 163 1.42 9.31 -5.83
CA VAL B 163 0.65 10.43 -5.37
C VAL B 163 0.63 11.56 -6.36
N GLU B 164 1.76 11.80 -7.00
CA GLU B 164 1.86 12.87 -7.96
C GLU B 164 1.03 12.61 -9.19
N TYR B 165 0.51 11.42 -9.36
CA TYR B 165 -0.31 11.12 -10.51
C TYR B 165 -1.78 11.15 -10.20
N LEU B 166 -2.14 11.64 -9.05
CA LEU B 166 -3.53 11.72 -8.72
C LEU B 166 -4.12 12.97 -9.31
N LYS B 167 -5.39 12.89 -9.66
CA LYS B 167 -6.12 14.01 -10.17
C LYS B 167 -6.26 15.01 -9.05
N PRO B 168 -6.23 16.29 -9.38
CA PRO B 168 -6.29 17.37 -8.40
C PRO B 168 -7.50 17.42 -7.50
N ASP B 169 -8.62 16.88 -7.93
CA ASP B 169 -9.80 16.88 -7.11
C ASP B 169 -9.95 15.66 -6.22
N ALA B 170 -8.94 14.83 -6.33
CA ALA B 170 -8.84 13.65 -5.54
C ALA B 170 -8.65 14.08 -4.14
N PRO B 171 -9.36 13.44 -3.24
CA PRO B 171 -9.24 13.71 -1.83
C PRO B 171 -7.89 13.25 -1.35
N ALA B 172 -7.34 13.97 -0.39
CA ALA B 172 -6.04 13.67 0.17
C ALA B 172 -5.93 12.24 0.63
N THR B 173 -4.81 11.62 0.30
CA THR B 173 -4.62 10.24 0.67
C THR B 173 -3.86 10.04 1.94
N SER B 174 -3.28 11.11 2.46
CA SER B 174 -2.56 11.08 3.70
C SER B 174 -2.53 12.44 4.33
N ILE B 175 -2.47 12.48 5.65
CA ILE B 175 -2.38 13.72 6.38
C ILE B 175 -1.30 13.62 7.44
N ASN B 176 -0.80 14.74 7.90
CA ASN B 176 0.26 14.68 8.85
C ASN B 176 0.00 15.47 10.10
N PHE B 177 0.00 14.79 11.22
CA PHE B 177 -0.19 15.41 12.49
C PHE B 177 1.17 15.77 13.05
N LEU B 178 1.47 17.05 13.17
CA LEU B 178 2.73 17.46 13.71
C LEU B 178 2.56 17.91 15.13
N VAL B 179 2.84 17.04 16.08
CA VAL B 179 2.67 17.34 17.46
C VAL B 179 3.88 17.91 18.14
N ALA B 180 3.74 19.06 18.76
CA ALA B 180 4.85 19.66 19.43
C ALA B 180 5.17 19.02 20.76
N LEU B 181 6.38 18.52 20.86
CA LEU B 181 6.89 17.95 22.10
C LEU B 181 7.69 18.96 22.92
N SER B 182 7.89 20.11 22.31
CA SER B 182 8.56 21.27 22.85
C SER B 182 8.00 22.54 22.18
N PRO B 183 8.35 23.71 22.68
CA PRO B 183 7.84 24.95 22.11
C PRO B 183 8.30 25.21 20.71
N PHE B 184 7.40 25.69 19.89
CA PHE B 184 7.70 26.02 18.54
C PHE B 184 7.67 27.51 18.53
N THR B 185 8.81 28.11 18.30
CA THR B 185 8.83 29.53 18.21
C THR B 185 9.43 29.99 16.92
N ALA B 186 9.35 31.27 16.66
CA ALA B 186 9.91 31.82 15.46
C ALA B 186 11.43 31.69 15.47
N GLU B 187 11.99 31.89 16.63
CA GLU B 187 13.41 31.84 16.84
C GLU B 187 13.96 30.45 16.79
N ASN B 188 13.18 29.46 17.22
CA ASN B 188 13.67 28.11 17.23
C ASN B 188 13.33 27.23 16.04
N GLY B 189 12.61 27.74 15.07
CA GLY B 189 12.36 26.95 13.89
C GLY B 189 10.98 26.44 13.63
N ALA B 190 10.00 27.05 14.25
CA ALA B 190 8.61 26.65 14.06
C ALA B 190 8.21 26.59 12.60
N THR B 191 7.44 25.56 12.29
CA THR B 191 6.99 25.26 10.93
C THR B 191 6.32 26.35 10.10
N HIS B 192 6.84 26.59 8.91
CA HIS B 192 6.22 27.52 7.98
C HIS B 192 5.23 26.75 7.14
N VAL B 193 4.13 27.39 6.80
CA VAL B 193 3.08 26.79 6.00
C VAL B 193 2.53 27.79 4.98
N ILE B 194 2.20 27.37 3.76
CA ILE B 194 1.57 28.28 2.83
C ILE B 194 0.12 27.90 2.74
N LEU B 195 -0.72 28.73 3.32
CA LEU B 195 -2.14 28.47 3.33
C LEU B 195 -2.76 28.48 1.98
N GLY B 196 -3.53 27.45 1.71
CA GLY B 196 -4.23 27.32 0.46
C GLY B 196 -3.42 26.72 -0.64
N SER B 197 -2.22 26.23 -0.33
CA SER B 197 -1.38 25.67 -1.36
C SER B 197 -1.62 24.19 -1.63
N HIS B 198 -2.51 23.58 -0.89
CA HIS B 198 -2.82 22.21 -1.16
C HIS B 198 -3.67 22.10 -2.42
N LYS B 199 -4.20 23.22 -2.85
CA LYS B 199 -4.99 23.25 -4.03
C LYS B 199 -4.24 23.81 -5.21
N TRP B 200 -2.99 24.18 -5.05
CA TRP B 200 -2.23 24.73 -6.13
C TRP B 200 -1.83 23.69 -7.12
N GLN B 201 -1.86 24.09 -8.38
CA GLN B 201 -1.46 23.26 -9.48
C GLN B 201 -0.20 23.86 -10.09
N ASN B 202 -0.09 25.18 -10.10
CA ASN B 202 1.07 25.89 -10.62
C ASN B 202 1.97 26.32 -9.47
N LEU B 203 3.21 25.88 -9.45
CA LEU B 203 4.11 26.22 -8.36
C LEU B 203 5.09 27.34 -8.59
N SER B 204 4.72 28.31 -9.40
CA SER B 204 5.59 29.45 -9.64
C SER B 204 5.50 30.43 -8.48
N ASN B 205 4.40 30.40 -7.76
CA ASN B 205 4.13 31.27 -6.65
C ASN B 205 4.79 30.88 -5.35
N VAL B 206 5.46 29.74 -5.31
CA VAL B 206 6.04 29.29 -4.08
C VAL B 206 7.17 30.13 -3.59
N SER B 207 7.02 30.66 -2.41
CA SER B 207 8.02 31.52 -1.81
C SER B 207 7.83 31.57 -0.31
N MET B 208 8.90 31.86 0.40
CA MET B 208 8.83 31.99 1.84
C MET B 208 7.97 33.17 2.25
N ASP B 209 7.69 34.08 1.34
CA ASP B 209 6.88 35.24 1.64
C ASP B 209 5.41 34.92 1.77
N ALA B 210 4.98 33.80 1.25
CA ALA B 210 3.61 33.39 1.33
C ALA B 210 3.31 32.57 2.56
N THR B 211 4.33 32.33 3.39
CA THR B 211 4.13 31.48 4.56
C THR B 211 3.75 32.15 5.83
N VAL B 212 3.06 31.39 6.64
CA VAL B 212 2.67 31.76 7.97
C VAL B 212 3.23 30.71 8.92
N ARG B 213 3.52 31.13 10.13
CA ARG B 213 4.10 30.27 11.13
C ARG B 213 3.11 29.53 11.97
N ALA B 214 3.57 28.44 12.56
CA ALA B 214 2.78 27.65 13.46
C ALA B 214 3.41 27.67 14.83
N LEU B 215 3.10 28.70 15.60
CA LEU B 215 3.63 28.83 16.94
C LEU B 215 2.81 27.94 17.82
N MET B 216 3.44 27.03 18.53
CA MET B 216 2.68 26.14 19.35
C MET B 216 3.36 25.80 20.64
N ASN B 217 2.57 25.43 21.62
CA ASN B 217 3.05 24.94 22.89
C ASN B 217 3.02 23.40 22.87
N PRO B 218 3.75 22.78 23.79
CA PRO B 218 3.82 21.34 23.82
C PRO B 218 2.44 20.76 23.92
N GLY B 219 2.16 19.74 23.13
CA GLY B 219 0.85 19.15 23.11
C GLY B 219 -0.01 19.65 21.98
N ASP B 220 0.32 20.80 21.45
CA ASP B 220 -0.39 21.34 20.32
C ASP B 220 0.01 20.59 19.06
N ALA B 221 -0.86 20.57 18.07
CA ALA B 221 -0.56 19.87 16.84
C ALA B 221 -0.93 20.61 15.58
N LEU B 222 -0.02 20.65 14.63
CA LEU B 222 -0.28 21.27 13.36
C LEU B 222 -0.68 20.19 12.39
N LEU B 223 -1.84 20.32 11.80
CA LEU B 223 -2.34 19.34 10.86
C LEU B 223 -2.27 19.81 9.43
N ILE B 224 -1.68 19.01 8.56
CA ILE B 224 -1.59 19.38 7.17
C ILE B 224 -1.87 18.22 6.26
N THR B 225 -2.28 18.50 5.04
CA THR B 225 -2.48 17.44 4.07
C THR B 225 -1.21 17.15 3.33
N ASP B 226 -1.21 16.06 2.62
CA ASP B 226 -0.07 15.67 1.84
C ASP B 226 0.26 16.64 0.73
N SER B 227 -0.68 17.50 0.37
CA SER B 227 -0.45 18.45 -0.69
C SER B 227 -0.03 19.83 -0.21
N THR B 228 -0.10 20.03 1.08
CA THR B 228 0.24 21.29 1.75
C THR B 228 1.70 21.65 1.68
N ILE B 229 2.03 22.81 1.15
CA ILE B 229 3.41 23.23 1.06
C ILE B 229 3.84 23.84 2.37
N HIS B 230 4.96 23.40 2.89
CA HIS B 230 5.39 23.82 4.23
C HIS B 230 6.88 23.55 4.34
N CYS B 231 7.43 23.83 5.50
CA CYS B 231 8.82 23.55 5.74
C CYS B 231 9.16 23.83 7.18
N GLY B 232 10.13 23.10 7.71
CA GLY B 232 10.59 23.35 9.04
C GLY B 232 11.34 24.64 9.03
N GLY B 233 11.23 25.41 10.09
CA GLY B 233 11.89 26.68 10.16
C GLY B 233 13.35 26.62 10.51
N ALA B 234 13.95 27.79 10.60
CA ALA B 234 15.33 27.87 10.97
C ALA B 234 15.44 28.17 12.45
N GLU B 235 16.35 27.49 13.11
CA GLU B 235 16.61 27.64 14.52
C GLU B 235 17.69 28.71 14.65
N THR B 236 17.31 29.84 15.19
CA THR B 236 18.22 30.98 15.27
C THR B 236 18.89 31.32 16.59
N THR B 237 18.59 30.56 17.62
CA THR B 237 19.12 30.85 18.91
C THR B 237 20.46 30.25 19.11
N GLY B 238 20.63 29.05 18.60
CA GLY B 238 21.85 28.28 18.78
C GLY B 238 21.85 27.51 20.08
N THR B 239 20.71 27.53 20.75
CA THR B 239 20.54 26.93 22.05
C THR B 239 19.45 25.90 22.13
N GLU B 240 18.29 26.25 21.62
CA GLU B 240 17.12 25.45 21.72
C GLU B 240 17.05 24.24 20.83
N THR B 241 16.49 23.19 21.38
CA THR B 241 16.33 21.96 20.67
C THR B 241 14.86 21.78 20.49
N ARG B 242 14.43 21.50 19.28
CA ARG B 242 13.02 21.33 18.99
C ARG B 242 12.65 19.88 18.74
N ARG B 243 11.61 19.41 19.40
CA ARG B 243 11.17 18.05 19.23
C ARG B 243 9.73 17.97 18.86
N LEU B 244 9.39 17.03 18.02
CA LEU B 244 8.02 16.84 17.63
C LEU B 244 7.70 15.41 17.35
N LEU B 245 6.44 15.09 17.45
CA LEU B 245 5.97 13.78 17.15
C LEU B 245 5.24 13.96 15.85
N THR B 246 5.71 13.30 14.81
CA THR B 246 5.10 13.39 13.51
C THR B 246 4.35 12.10 13.20
N ILE B 247 3.08 12.25 12.93
CA ILE B 247 2.22 11.14 12.65
C ILE B 247 1.54 11.27 11.31
N THR B 248 1.93 10.45 10.36
CA THR B 248 1.34 10.50 9.05
C THR B 248 0.28 9.44 8.95
N MET B 249 -0.95 9.85 8.74
CA MET B 249 -2.04 8.94 8.61
C MET B 249 -2.46 8.89 7.16
N GLY B 250 -2.63 7.71 6.63
CA GLY B 250 -3.02 7.56 5.26
C GLY B 250 -3.93 6.40 5.03
N ILE B 251 -4.57 6.41 3.89
CA ILE B 251 -5.47 5.37 3.56
C ILE B 251 -4.75 4.06 3.54
N SER B 252 -5.44 3.03 3.95
CA SER B 252 -4.91 1.69 4.03
C SER B 252 -4.50 1.07 2.72
N GLN B 253 -4.75 1.76 1.65
CA GLN B 253 -4.40 1.29 0.34
C GLN B 253 -2.99 1.71 -0.07
N LEU B 254 -2.32 2.47 0.77
CA LEU B 254 -0.98 2.88 0.49
C LEU B 254 -0.08 2.21 1.48
N THR B 255 1.06 1.77 1.01
CA THR B 255 2.02 1.11 1.83
C THR B 255 2.65 2.11 2.74
N PRO B 256 2.86 1.74 3.98
CA PRO B 256 3.48 2.62 4.95
C PRO B 256 4.96 2.76 4.77
N LEU B 257 5.53 3.82 5.33
CA LEU B 257 6.96 4.01 5.26
C LEU B 257 7.66 3.12 6.24
N GLU B 258 7.09 2.94 7.41
CA GLU B 258 7.67 2.15 8.46
C GLU B 258 6.98 0.82 8.57
N SER B 259 7.69 -0.16 9.07
CA SER B 259 7.10 -1.48 9.23
C SER B 259 7.01 -1.88 10.67
N ASN B 260 5.99 -2.62 11.01
CA ASN B 260 5.83 -3.12 12.35
C ASN B 260 5.92 -4.64 12.39
N LEU B 261 6.45 -5.24 11.35
CA LEU B 261 6.58 -6.68 11.28
C LEU B 261 7.43 -7.28 12.39
N ALA B 262 8.50 -6.61 12.74
CA ALA B 262 9.37 -7.11 13.76
C ALA B 262 8.99 -6.75 15.18
N VAL B 263 7.82 -6.17 15.38
CA VAL B 263 7.39 -5.84 16.72
C VAL B 263 6.92 -7.09 17.45
N PRO B 264 7.43 -7.31 18.64
CA PRO B 264 7.10 -8.49 19.44
C PRO B 264 5.62 -8.72 19.67
N ARG B 265 5.21 -9.96 19.44
CA ARG B 265 3.84 -10.40 19.57
C ARG B 265 3.15 -9.98 20.83
N PRO B 266 3.86 -10.04 21.93
CA PRO B 266 3.28 -9.66 23.20
C PRO B 266 2.86 -8.21 23.17
N VAL B 267 3.66 -7.37 22.56
CA VAL B 267 3.36 -5.96 22.49
C VAL B 267 2.12 -5.77 21.66
N ILE B 268 2.11 -6.41 20.51
CA ILE B 268 0.99 -6.33 19.63
C ILE B 268 -0.23 -6.83 20.35
N GLU B 269 -0.15 -8.01 20.92
CA GLU B 269 -1.29 -8.56 21.61
C GLU B 269 -1.73 -7.74 22.80
N SER B 270 -0.95 -6.73 23.15
CA SER B 270 -1.25 -5.83 24.23
C SER B 270 -2.06 -4.65 23.80
N LEU B 271 -2.17 -4.42 22.50
CA LEU B 271 -2.88 -3.24 22.06
C LEU B 271 -4.33 -3.51 21.79
N THR B 272 -5.03 -2.44 21.50
CA THR B 272 -6.41 -2.57 21.11
C THR B 272 -6.48 -3.01 19.66
N PRO B 273 -7.60 -3.58 19.30
CA PRO B 273 -7.78 -4.03 17.93
C PRO B 273 -7.60 -2.88 16.99
N LEU B 274 -8.02 -1.68 17.35
CA LEU B 274 -7.89 -0.51 16.51
C LEU B 274 -6.45 -0.18 16.25
N ALA B 275 -5.66 -0.19 17.31
CA ALA B 275 -4.24 0.07 17.26
C ALA B 275 -3.53 -1.02 16.49
N GLN B 276 -4.03 -2.22 16.58
CA GLN B 276 -3.43 -3.30 15.86
C GLN B 276 -3.61 -3.03 14.38
N ARG B 277 -4.79 -2.57 14.01
CA ARG B 277 -5.07 -2.29 12.64
C ARG B 277 -4.21 -1.16 12.10
N LEU B 278 -4.03 -0.11 12.86
CA LEU B 278 -3.22 0.98 12.40
C LEU B 278 -1.80 0.61 12.17
N LEU B 279 -1.36 -0.46 12.82
CA LEU B 279 -0.01 -0.91 12.75
C LEU B 279 0.30 -1.96 11.71
N GLY B 280 -0.71 -2.38 10.99
CA GLY B 280 -0.55 -3.37 9.98
C GLY B 280 -0.72 -4.78 10.46
N TRP B 281 -1.20 -4.93 11.68
CA TRP B 281 -1.41 -6.25 12.25
C TRP B 281 -2.87 -6.65 12.21
N ALA B 282 -3.52 -6.27 11.14
CA ALA B 282 -4.91 -6.60 10.89
C ALA B 282 -5.23 -6.43 9.42
N SER B 283 -6.32 -7.02 9.01
CA SER B 283 -6.78 -6.86 7.67
C SER B 283 -7.49 -5.51 7.53
N GLN B 284 -7.58 -4.99 6.32
CA GLN B 284 -8.21 -3.70 6.15
C GLN B 284 -9.32 -3.70 5.14
N ARG B 285 -10.16 -2.69 5.20
CA ARG B 285 -11.27 -2.56 4.31
C ARG B 285 -11.27 -1.25 3.55
N SER B 286 -11.95 -1.26 2.42
CA SER B 286 -12.08 -0.04 1.64
C SER B 286 -13.51 0.41 1.60
N ALA B 287 -13.72 1.58 1.01
CA ALA B 287 -15.06 2.15 0.93
C ALA B 287 -15.94 1.58 -0.16
N ALA B 288 -15.42 0.71 -1.01
CA ALA B 288 -16.23 0.12 -2.05
C ALA B 288 -17.41 -0.64 -1.46
N PRO B 289 -18.56 -0.44 -2.06
CA PRO B 289 -19.80 -1.03 -1.59
C PRO B 289 -19.74 -2.53 -1.40
N ARG B 290 -19.09 -3.22 -2.31
CA ARG B 290 -18.96 -4.65 -2.15
C ARG B 290 -17.50 -4.98 -1.95
N ASP B 291 -16.84 -4.20 -1.11
CA ASP B 291 -15.44 -4.33 -0.78
C ASP B 291 -14.97 -5.75 -0.51
N ILE B 292 -13.85 -6.12 -1.08
CA ILE B 292 -13.31 -7.45 -0.85
C ILE B 292 -12.14 -7.47 0.13
N GLY B 293 -11.73 -6.31 0.57
CA GLY B 293 -10.67 -6.19 1.55
C GLY B 293 -9.23 -6.20 1.08
N LEU B 294 -8.36 -5.80 1.99
CA LEU B 294 -6.93 -5.76 1.79
C LEU B 294 -6.27 -6.62 2.85
N LEU B 295 -5.20 -7.28 2.50
CA LEU B 295 -4.46 -8.13 3.41
C LEU B 295 -5.29 -9.22 4.02
N THR B 296 -6.05 -9.89 3.19
CA THR B 296 -6.88 -10.96 3.63
C THR B 296 -6.24 -12.30 3.38
N ILE B 297 -6.76 -13.31 4.01
CA ILE B 297 -6.19 -14.63 3.85
C ILE B 297 -7.31 -15.57 3.55
N ARG B 298 -7.47 -15.86 2.27
CA ARG B 298 -8.50 -16.75 1.78
C ARG B 298 -9.87 -16.48 2.33
N GLY B 299 -10.29 -15.24 2.32
CA GLY B 299 -11.59 -14.85 2.81
C GLY B 299 -11.66 -14.46 4.26
N ASN B 300 -10.59 -14.68 5.00
CA ASN B 300 -10.59 -14.36 6.41
C ASN B 300 -9.54 -13.35 6.80
N SER B 301 -9.77 -12.71 7.93
CA SER B 301 -8.85 -11.71 8.40
C SER B 301 -7.57 -12.29 8.93
N ILE B 302 -6.57 -11.44 8.95
CA ILE B 302 -5.26 -11.75 9.46
C ILE B 302 -5.39 -12.13 10.91
N GLU B 303 -6.12 -11.32 11.64
CA GLU B 303 -6.29 -11.51 13.05
C GLU B 303 -7.06 -12.76 13.40
N LYS B 304 -8.00 -13.13 12.56
CA LYS B 304 -8.80 -14.31 12.79
C LYS B 304 -8.06 -15.55 12.42
N THR B 305 -7.25 -15.45 11.39
CA THR B 305 -6.49 -16.58 10.94
C THR B 305 -5.46 -16.91 11.96
N MET B 306 -4.84 -15.88 12.50
CA MET B 306 -3.80 -16.00 13.47
C MET B 306 -4.23 -16.06 14.92
N ASN B 307 -5.53 -15.88 15.16
CA ASN B 307 -6.08 -15.91 16.50
C ASN B 307 -5.26 -15.01 17.37
N LEU B 308 -5.24 -13.75 16.96
CA LEU B 308 -4.49 -12.73 17.62
C LEU B 308 -5.27 -12.13 18.74
N LYS B 309 -4.68 -12.17 19.92
CA LYS B 309 -5.29 -11.62 21.10
C LYS B 309 -5.13 -10.13 21.16
N ALA B 310 -6.03 -9.46 21.85
CA ALA B 310 -5.93 -8.04 22.00
C ALA B 310 -6.14 -7.64 23.45
N GLU B 311 -5.60 -6.49 23.81
CA GLU B 311 -5.68 -5.95 25.14
C GLU B 311 -5.21 -6.89 26.25
N GLN B 312 -4.11 -7.57 26.00
CA GLN B 312 -3.51 -8.46 26.95
C GLN B 312 -2.21 -7.90 27.50
N PRO B 313 -2.24 -7.40 28.72
CA PRO B 313 -1.07 -6.78 29.33
C PRO B 313 0.20 -7.61 29.44
N LEU B 314 1.31 -6.91 29.55
CA LEU B 314 2.61 -7.57 29.62
C LEU B 314 3.04 -7.96 31.02
FE FE C . -11.08 -9.34 -13.84
C13 CV3 D . -8.27 -10.18 -9.46
C15 CV3 D . -10.66 -12.12 -8.51
C17 CV3 D . -13.69 -8.63 -7.12
C20 CV3 D . -14.07 -10.04 -10.39
C21 CV3 D . -16.60 -9.67 -11.27
C01 CV3 D . -12.00 -10.08 -7.73
C02 CV3 D . -12.09 -8.06 -8.74
C03 CV3 D . -12.65 -7.79 -9.93
C04 CV3 D . -15.07 -7.56 -10.80
C05 CV3 D . -15.43 -10.62 -10.84
C06 CV3 D . -10.88 -7.22 -8.34
C07 CV3 D . -8.14 -11.75 -9.66
C08 CV3 D . -17.87 -10.16 -11.69
O09 CV3 D . -10.90 -6.16 -7.84
N10 CV3 D . -9.58 -7.91 -8.66
C11 CV3 D . -9.52 -9.59 -8.82
C12 CV3 D . -10.78 -10.61 -8.33
C14 CV3 D . -9.36 -12.74 -9.16
N16 CV3 D . -12.53 -8.97 -7.98
O18 CV3 D . -12.38 -10.96 -7.01
C19 CV3 D . -13.90 -8.51 -10.39
C23 CV3 D . -16.42 -8.13 -11.25
F81 CV3 D . -17.84 -10.38 -12.64
F82 CV3 D . -18.11 -10.94 -11.16
F83 CV3 D . -18.54 -9.45 -11.55
H131 CV3 D . -7.59 -9.61 -9.73
H151 CV3 D . -11.34 -12.68 -8.24
H172 CV3 D . -13.37 -8.43 -6.22
H171 CV3 D . -14.15 -7.87 -7.48
H173 CV3 D . -14.29 -9.39 -7.08
H201 CV3 D . -13.37 -10.60 -10.13
H031 CV3 D . -12.32 -7.08 -10.45
H041 CV3 D . -14.94 -6.64 -10.77
H051 CV3 D . -15.56 -11.55 -10.86
H071 CV3 D . -7.37 -12.11 -10.04
H101 CV3 D . -9.02 -7.45 -9.18
H141 CV3 D . -9.29 -13.66 -9.28
H231 CV3 D . -17.11 -7.57 -11.50
C1 SIN E . -11.73 -13.23 -13.18
O1 SIN E . -11.72 -12.07 -12.67
O2 SIN E . -12.20 -14.18 -12.49
C2 SIN E . -11.17 -13.49 -14.59
C3 SIN E . -11.79 -14.79 -15.12
C4 SIN E . -11.38 -15.03 -16.58
O3 SIN E . -10.71 -14.18 -17.19
O4 SIN E . -11.71 -16.09 -17.17
H21 SIN E . -10.20 -13.59 -14.54
H22 SIN E . -11.40 -12.76 -15.17
H31 SIN E . -11.49 -15.54 -14.59
H32 SIN E . -12.75 -14.73 -15.07
FE FE F . 7.36 17.80 5.59
C13 CV3 G . 7.22 12.59 7.16
C15 CV3 G . 10.34 13.12 7.85
C17 CV3 G . 11.91 12.80 3.28
C20 CV3 G . 11.08 16.54 2.06
C21 CV3 G . 13.06 17.78 3.32
C01 CV3 G . 10.92 12.71 5.35
C02 CV3 G . 9.70 13.54 3.62
C03 CV3 G . 9.61 14.81 3.23
C04 CV3 G . 11.58 15.98 4.67
C05 CV3 G . 12.23 17.56 2.03
C06 CV3 G . 8.46 12.71 3.30
C07 CV3 G . 7.66 12.94 8.65
C08 CV3 G . 14.13 18.72 3.26
O09 CV3 G . 8.04 12.50 2.23
N10 CV3 G . 7.76 12.12 4.51
C11 CV3 G . 8.28 12.51 6.07
C12 CV3 G . 9.91 12.77 6.41
C14 CV3 G . 9.24 13.20 8.99
N16 CV3 G . 10.75 13.05 4.16
O18 CV3 G . 11.91 12.29 5.86
C19 CV3 G . 10.75 15.77 3.37
C23 CV3 G . 12.75 17.00 4.63
F81 CV3 G . 14.97 18.29 3.51
F82 CV3 G . 13.93 19.45 3.88
F83 CV3 G . 14.19 19.07 2.34
H131 CV3 G . 6.33 12.43 6.96
H151 CV3 G . 11.23 13.26 8.05
H172 CV3 G . 12.71 13.13 3.72
H171 CV3 G . 11.79 13.27 2.44
H173 CV3 G . 12.00 11.85 3.11
H201 CV3 G . 10.57 16.39 1.29
H031 CV3 G . 8.83 15.10 2.80
H041 CV3 G . 11.39 15.51 5.44
H051 CV3 G . 12.43 18.02 1.25
H071 CV3 G . 7.01 12.98 9.33
H101 CV3 G . 6.88 11.98 4.42
H141 CV3 G . 9.50 13.41 9.86
H231 CV3 G . 13.25 17.14 5.40
C1 SIN H . 10.15 17.83 8.91
O1 SIN H . 9.81 17.12 7.91
O2 SIN H . 11.30 17.66 9.41
C2 SIN H . 9.20 18.88 9.52
C3 SIN H . 9.92 19.67 10.62
C4 SIN H . 9.06 20.84 11.08
O3 SIN H . 7.94 21.02 10.57
O4 SIN H . 9.46 21.64 11.96
H21 SIN H . 8.42 18.42 9.91
H22 SIN H . 8.90 19.49 8.82
H31 SIN H . 10.10 19.08 11.37
H32 SIN H . 10.76 20.00 10.27
#